data_5EXT
#
_entry.id   5EXT
#
_cell.length_a   105.111
_cell.length_b   105.111
_cell.length_c   42.841
_cell.angle_alpha   90.00
_cell.angle_beta   90.00
_cell.angle_gamma   120.00
#
_symmetry.space_group_name_H-M   'P 65'
#
loop_
_entity.id
_entity.type
_entity.pdbx_description
1 polymer 'Transcriptional regulator FleQ'
2 non-polymer "ADENOSINE-5'-DIPHOSPHATE"
3 water water
#
_entity_poly.entity_id   1
_entity_poly.type   'polypeptide(L)'
_entity_poly.pdbx_seq_one_letter_code
;SGSREPNLFRSLVGTSRAIQQVRQMMQQVADTDASVLILGESGTGKEVVARNLHYHSKRREGPFVPVNCGAIPAELLESE
LFGHEKGAFTGAITSRAGRFELANGGTLFLDEIGDMPLPMQVKLLRVLQERTFERVGSNKTQNVDVRIIAATHKNLEKMI
EDGTFREDLYYRLNVFPIEMAPLRERVEDIALLLNELISRMEHEKRGSIRFNSAAIMSLCRHDWPGNVRELANLVERLAI
MHPYGVIGVGELPKKFRHVD
;
_entity_poly.pdbx_strand_id   A
#
loop_
_chem_comp.id
_chem_comp.type
_chem_comp.name
_chem_comp.formula
ADP non-polymer ADENOSINE-5'-DIPHOSPHATE 'C10 H15 N5 O10 P2'
#
# COMPACT_ATOMS: atom_id res chain seq x y z
N LEU A 8 -14.03 -2.93 5.02
CA LEU A 8 -13.17 -1.91 5.62
C LEU A 8 -11.71 -2.33 5.58
N PHE A 9 -11.44 -3.58 5.93
CA PHE A 9 -10.09 -4.11 5.86
C PHE A 9 -10.11 -5.59 5.52
N ARG A 10 -8.96 -6.07 5.09
CA ARG A 10 -8.77 -7.48 4.76
C ARG A 10 -7.80 -8.08 5.77
N SER A 11 -7.85 -9.38 5.98
CA SER A 11 -6.84 -10.00 6.81
C SER A 11 -5.77 -10.65 5.93
N LEU A 12 -4.60 -10.84 6.52
CA LEU A 12 -3.45 -11.36 5.77
C LEU A 12 -3.36 -12.85 5.85
N VAL A 13 -3.96 -13.50 4.88
CA VAL A 13 -3.92 -14.94 4.74
C VAL A 13 -2.50 -15.39 4.49
N GLY A 14 -2.17 -16.60 4.92
CA GLY A 14 -0.84 -17.13 4.67
C GLY A 14 -0.26 -17.89 5.84
N THR A 15 0.54 -18.90 5.52
CA THR A 15 1.00 -19.84 6.52
C THR A 15 2.51 -19.74 6.69
N SER A 16 3.13 -19.00 5.77
CA SER A 16 4.58 -18.89 5.72
C SER A 16 5.12 -18.16 6.93
N ARG A 17 6.37 -18.46 7.24
CA ARG A 17 7.09 -17.86 8.34
C ARG A 17 7.05 -16.34 8.24
N ALA A 18 7.41 -15.82 7.06
CA ALA A 18 7.46 -14.38 6.78
C ALA A 18 6.12 -13.68 6.98
N ILE A 19 5.04 -14.31 6.53
CA ILE A 19 3.72 -13.70 6.71
C ILE A 19 3.29 -13.73 8.18
N GLN A 20 3.76 -14.72 8.93
CA GLN A 20 3.49 -14.78 10.36
C GLN A 20 4.26 -13.70 11.10
N GLN A 21 5.49 -13.43 10.63
CA GLN A 21 6.29 -12.33 11.17
C GLN A 21 5.54 -11.02 11.01
N VAL A 22 5.03 -10.77 9.81
CA VAL A 22 4.27 -9.55 9.54
C VAL A 22 3.08 -9.40 10.49
N ARG A 23 2.28 -10.46 10.63
CA ARG A 23 1.15 -10.44 11.55
C ARG A 23 1.56 -10.00 12.96
N GLN A 24 2.66 -10.57 13.46
CA GLN A 24 3.13 -10.27 14.81
C GLN A 24 3.59 -8.84 14.93
N MET A 25 4.35 -8.40 13.93
CA MET A 25 4.82 -7.03 13.86
C MET A 25 3.66 -6.06 13.71
N MET A 26 2.55 -6.54 13.16
CA MET A 26 1.38 -5.67 12.98
C MET A 26 0.68 -5.45 14.30
N GLN A 27 0.58 -6.52 15.09
CA GLN A 27 0.03 -6.43 16.43
C GLN A 27 0.78 -5.42 17.33
N GLN A 28 2.11 -5.39 17.23
CA GLN A 28 2.88 -4.52 18.11
C GLN A 28 2.64 -3.06 17.79
N VAL A 29 2.75 -2.73 16.51
CA VAL A 29 2.85 -1.34 16.12
C VAL A 29 1.48 -0.67 15.93
N ALA A 30 0.47 -1.45 15.58
CA ALA A 30 -0.85 -0.91 15.22
C ALA A 30 -1.42 0.01 16.28
N ASP A 31 -1.42 -0.49 17.52
CA ASP A 31 -1.89 0.25 18.68
C ASP A 31 -1.10 1.52 18.97
N THR A 32 0.14 1.57 18.51
CA THR A 32 1.00 2.73 18.71
C THR A 32 0.80 3.79 17.65
N ASP A 33 1.49 4.91 17.79
CA ASP A 33 1.42 5.93 16.77
C ASP A 33 2.76 6.08 16.07
N ALA A 34 3.55 5.02 16.12
CA ALA A 34 4.82 4.98 15.43
C ALA A 34 4.59 5.06 13.92
N SER A 35 5.51 5.71 13.24
CA SER A 35 5.50 5.72 11.80
C SER A 35 5.87 4.36 11.24
N VAL A 36 5.06 3.88 10.30
CA VAL A 36 5.29 2.60 9.67
C VAL A 36 5.75 2.77 8.23
N LEU A 37 6.85 2.08 7.90
CA LEU A 37 7.32 2.05 6.52
C LEU A 37 7.19 0.61 6.03
N ILE A 38 6.44 0.41 4.94
CA ILE A 38 6.27 -0.94 4.42
C ILE A 38 6.96 -1.11 3.07
N LEU A 39 7.92 -2.03 3.03
CA LEU A 39 8.71 -2.32 1.85
C LEU A 39 8.23 -3.60 1.20
N GLY A 40 8.02 -3.55 -0.11
CA GLY A 40 7.60 -4.72 -0.86
C GLY A 40 7.32 -4.40 -2.30
N GLU A 41 7.52 -5.40 -3.16
CA GLU A 41 7.16 -5.31 -4.56
C GLU A 41 5.69 -4.98 -4.72
N SER A 42 5.35 -4.42 -5.85
CA SER A 42 3.97 -4.14 -6.21
C SER A 42 3.08 -5.38 -6.10
N GLY A 43 1.91 -5.22 -5.49
CA GLY A 43 0.96 -6.31 -5.33
C GLY A 43 1.24 -7.27 -4.18
N THR A 44 2.10 -6.88 -3.26
CA THR A 44 2.47 -7.80 -2.20
C THR A 44 1.62 -7.65 -0.95
N GLY A 45 0.64 -6.73 -0.99
CA GLY A 45 -0.29 -6.50 0.11
C GLY A 45 0.09 -5.36 1.04
N LYS A 46 0.87 -4.40 0.55
CA LYS A 46 1.29 -3.27 1.37
C LYS A 46 0.11 -2.39 1.78
N GLU A 47 -0.83 -2.15 0.87
CA GLU A 47 -2.00 -1.38 1.25
C GLU A 47 -2.94 -2.13 2.20
N VAL A 48 -3.02 -3.46 2.05
CA VAL A 48 -3.74 -4.28 3.00
C VAL A 48 -3.16 -4.09 4.40
N VAL A 49 -1.85 -4.21 4.54
CA VAL A 49 -1.22 -4.09 5.84
C VAL A 49 -1.55 -2.70 6.41
N ALA A 50 -1.44 -1.68 5.57
CA ALA A 50 -1.69 -0.31 6.00
C ALA A 50 -3.14 -0.09 6.47
N ARG A 51 -4.11 -0.52 5.67
CA ARG A 51 -5.52 -0.34 6.04
C ARG A 51 -5.89 -1.20 7.25
N ASN A 52 -5.25 -2.35 7.37
CA ASN A 52 -5.45 -3.21 8.51
C ASN A 52 -4.90 -2.54 9.76
N LEU A 53 -3.68 -2.01 9.66
CA LEU A 53 -3.04 -1.33 10.75
C LEU A 53 -3.95 -0.25 11.32
N HIS A 54 -4.40 0.64 10.44
CA HIS A 54 -5.31 1.74 10.78
C HIS A 54 -6.52 1.35 11.64
N TYR A 55 -7.28 0.35 11.22
CA TYR A 55 -8.53 0.04 11.90
C TYR A 55 -8.28 -0.71 13.21
N HIS A 56 -7.01 -1.05 13.46
CA HIS A 56 -6.58 -1.61 14.73
C HIS A 56 -5.68 -0.59 15.44
N SER A 57 -6.01 0.68 15.28
CA SER A 57 -5.15 1.72 15.78
C SER A 57 -6.00 2.78 16.49
N LYS A 58 -5.32 3.72 17.13
CA LYS A 58 -5.96 4.80 17.87
C LYS A 58 -6.84 5.66 16.98
N ARG A 59 -6.61 5.57 15.68
CA ARG A 59 -7.31 6.39 14.72
C ARG A 59 -8.35 5.57 13.95
N ARG A 60 -8.67 4.39 14.48
CA ARG A 60 -9.55 3.44 13.79
C ARG A 60 -10.95 3.94 13.49
N GLU A 61 -11.29 5.13 13.96
CA GLU A 61 -12.59 5.71 13.67
C GLU A 61 -12.42 6.86 12.71
N GLY A 62 -11.21 7.40 12.67
CA GLY A 62 -10.89 8.53 11.81
C GLY A 62 -10.62 8.14 10.36
N PRO A 63 -10.25 9.13 9.55
CA PRO A 63 -10.08 9.02 8.10
C PRO A 63 -8.83 8.25 7.67
N PHE A 64 -8.99 7.32 6.74
CA PHE A 64 -7.85 6.73 6.06
C PHE A 64 -7.63 7.47 4.77
N VAL A 65 -6.53 8.21 4.67
CA VAL A 65 -6.30 9.08 3.54
C VAL A 65 -5.10 8.68 2.71
N PRO A 66 -5.35 8.02 1.57
CA PRO A 66 -4.32 7.73 0.57
C PRO A 66 -3.73 8.99 -0.03
N VAL A 67 -2.45 8.95 -0.33
CA VAL A 67 -1.85 9.92 -1.24
C VAL A 67 -0.81 9.20 -2.08
N ASN A 68 -0.96 9.28 -3.40
CA ASN A 68 -0.02 8.64 -4.32
C ASN A 68 0.99 9.65 -4.75
N CYS A 69 2.13 9.66 -4.09
CA CYS A 69 3.13 10.72 -4.23
C CYS A 69 3.77 10.74 -5.61
N GLY A 70 3.59 9.67 -6.37
CA GLY A 70 4.14 9.59 -7.71
C GLY A 70 3.16 9.94 -8.81
N ALA A 71 1.87 9.68 -8.57
CA ALA A 71 0.86 9.91 -9.60
C ALA A 71 0.33 11.35 -9.58
N ILE A 72 0.79 12.12 -8.61
CA ILE A 72 0.46 13.54 -8.55
C ILE A 72 1.59 14.30 -9.21
N PRO A 73 1.26 15.19 -10.16
CA PRO A 73 2.29 16.01 -10.81
C PRO A 73 3.10 16.78 -9.77
N ALA A 74 4.41 16.82 -9.95
CA ALA A 74 5.31 17.37 -8.93
C ALA A 74 4.92 18.80 -8.56
N GLU A 75 4.54 19.59 -9.55
CA GLU A 75 4.23 20.99 -9.32
C GLU A 75 2.97 21.18 -8.48
N LEU A 76 2.18 20.13 -8.33
CA LEU A 76 0.90 20.25 -7.65
C LEU A 76 0.83 19.47 -6.35
N LEU A 77 1.95 18.85 -5.98
CA LEU A 77 1.95 17.96 -4.83
C LEU A 77 1.87 18.74 -3.52
N GLU A 78 2.46 19.93 -3.49
CA GLU A 78 2.43 20.76 -2.29
C GLU A 78 1.01 21.18 -1.99
N SER A 79 0.30 21.63 -3.02
CA SER A 79 -1.11 21.96 -2.87
C SER A 79 -1.90 20.74 -2.47
N GLU A 80 -1.48 19.57 -2.95
CA GLU A 80 -2.17 18.33 -2.64
C GLU A 80 -2.11 18.02 -1.17
N LEU A 81 -0.95 18.23 -0.56
CA LEU A 81 -0.74 17.82 0.82
C LEU A 81 -1.29 18.81 1.84
N PHE A 82 -1.06 20.10 1.62
CA PHE A 82 -1.37 21.09 2.64
C PHE A 82 -2.64 21.86 2.34
N GLY A 83 -2.96 21.95 1.06
CA GLY A 83 -4.12 22.71 0.64
C GLY A 83 -3.66 24.07 0.17
N HIS A 84 -4.59 24.90 -0.25
CA HIS A 84 -4.29 26.26 -0.69
C HIS A 84 -5.55 27.12 -0.50
N GLU A 85 -5.38 28.43 -0.50
CA GLU A 85 -6.49 29.32 -0.17
C GLU A 85 -7.23 29.84 -1.40
N LYS A 86 -6.49 30.58 -2.20
CA LYS A 86 -7.01 31.25 -3.39
C LYS A 86 -5.79 31.92 -3.96
N GLY A 87 -5.89 32.50 -5.15
CA GLY A 87 -4.81 33.28 -5.74
C GLY A 87 -3.36 32.79 -5.63
N ALA A 88 -3.11 31.78 -4.81
CA ALA A 88 -1.78 31.26 -4.53
C ALA A 88 -1.05 30.93 -5.82
N PHE A 89 -1.81 30.52 -6.81
CA PHE A 89 -1.27 30.26 -8.13
C PHE A 89 -2.37 30.33 -9.19
N THR A 90 -1.98 30.13 -10.44
CA THR A 90 -2.90 30.14 -11.56
C THR A 90 -4.01 29.11 -11.40
N GLY A 91 -5.26 29.57 -11.35
CA GLY A 91 -6.39 28.67 -11.32
C GLY A 91 -7.04 28.48 -9.97
N ALA A 92 -6.39 28.97 -8.91
CA ALA A 92 -6.90 28.84 -7.54
C ALA A 92 -8.16 29.67 -7.33
N ILE A 93 -9.22 29.38 -8.09
CA ILE A 93 -10.48 30.09 -8.00
C ILE A 93 -11.09 29.95 -6.61
N THR A 94 -10.77 28.83 -5.96
CA THR A 94 -11.41 28.47 -4.69
C THR A 94 -10.42 28.04 -3.62
N SER A 95 -10.97 27.63 -2.49
CA SER A 95 -10.18 27.11 -1.38
C SER A 95 -10.01 25.60 -1.49
N ARG A 96 -8.92 25.09 -0.92
CA ARG A 96 -8.66 23.65 -0.97
C ARG A 96 -8.09 23.14 0.34
N ALA A 97 -8.76 22.16 0.92
CA ALA A 97 -8.19 21.40 2.01
C ALA A 97 -7.22 20.39 1.45
N GLY A 98 -6.12 20.15 2.15
CA GLY A 98 -5.13 19.18 1.73
C GLY A 98 -5.35 17.83 2.37
N ARG A 99 -4.53 16.85 1.99
CA ARG A 99 -4.60 15.51 2.54
C ARG A 99 -4.44 15.51 4.05
N PHE A 100 -3.44 16.24 4.53
CA PHE A 100 -3.18 16.39 5.96
C PHE A 100 -4.42 16.77 6.74
N GLU A 101 -5.06 17.85 6.29
CA GLU A 101 -6.33 18.31 6.86
C GLU A 101 -7.34 17.18 6.93
N LEU A 102 -7.55 16.53 5.79
CA LEU A 102 -8.53 15.46 5.67
C LEU A 102 -8.10 14.23 6.45
N ALA A 103 -6.83 14.16 6.80
CA ALA A 103 -6.31 13.00 7.54
C ALA A 103 -6.24 13.24 9.03
N ASN A 104 -6.40 14.51 9.43
CA ASN A 104 -6.37 14.91 10.83
C ASN A 104 -7.32 14.04 11.66
N GLY A 105 -6.74 13.36 12.66
CA GLY A 105 -7.50 12.42 13.47
C GLY A 105 -7.51 11.01 12.93
N GLY A 106 -6.87 10.80 11.79
CA GLY A 106 -6.75 9.48 11.21
C GLY A 106 -5.33 9.18 10.79
N THR A 107 -5.18 8.19 9.92
CA THR A 107 -3.87 7.85 9.39
C THR A 107 -3.72 8.42 7.97
N LEU A 108 -2.51 8.87 7.66
CA LEU A 108 -2.18 9.32 6.32
C LEU A 108 -1.23 8.31 5.67
N PHE A 109 -1.66 7.71 4.56
CA PHE A 109 -0.92 6.65 3.87
C PHE A 109 -0.16 7.20 2.66
N LEU A 110 1.16 7.22 2.77
CA LEU A 110 1.98 7.77 1.69
C LEU A 110 2.39 6.63 0.77
N ASP A 111 1.59 6.43 -0.27
CA ASP A 111 1.79 5.38 -1.23
C ASP A 111 2.91 5.75 -2.21
N GLU A 112 3.88 4.84 -2.35
CA GLU A 112 5.12 5.07 -3.10
C GLU A 112 5.82 6.36 -2.71
N ILE A 113 6.29 6.38 -1.46
CA ILE A 113 7.01 7.51 -0.89
C ILE A 113 8.32 7.78 -1.66
N GLY A 114 8.89 6.73 -2.23
CA GLY A 114 10.11 6.83 -3.01
C GLY A 114 9.96 7.58 -4.32
N ASP A 115 8.75 8.05 -4.61
CA ASP A 115 8.50 8.85 -5.80
C ASP A 115 8.16 10.28 -5.45
N MET A 116 8.28 10.62 -4.17
CA MET A 116 8.08 11.99 -3.78
C MET A 116 9.28 12.81 -4.18
N PRO A 117 9.05 13.96 -4.83
CA PRO A 117 10.14 14.88 -5.19
C PRO A 117 10.89 15.39 -3.96
N LEU A 118 12.18 15.65 -4.11
CA LEU A 118 13.00 16.15 -3.00
C LEU A 118 12.45 17.40 -2.29
N PRO A 119 11.91 18.38 -3.04
CA PRO A 119 11.31 19.55 -2.38
C PRO A 119 10.25 19.17 -1.35
N MET A 120 9.45 18.16 -1.67
CA MET A 120 8.36 17.77 -0.80
C MET A 120 8.84 16.87 0.32
N GLN A 121 9.95 16.17 0.11
CA GLN A 121 10.55 15.40 1.19
C GLN A 121 10.95 16.34 2.32
N VAL A 122 11.59 17.44 1.96
CA VAL A 122 11.96 18.46 2.94
C VAL A 122 10.75 18.97 3.71
N LYS A 123 9.72 19.39 2.99
CA LYS A 123 8.54 19.95 3.62
C LYS A 123 7.76 18.92 4.42
N LEU A 124 7.77 17.68 3.95
CA LEU A 124 7.11 16.59 4.67
C LEU A 124 7.82 16.37 6.02
N LEU A 125 9.14 16.37 6.02
CA LEU A 125 9.90 16.23 7.25
C LEU A 125 9.64 17.37 8.26
N ARG A 126 9.58 18.60 7.78
CA ARG A 126 9.41 19.75 8.68
C ARG A 126 8.07 19.66 9.35
N VAL A 127 7.08 19.21 8.61
CA VAL A 127 5.76 19.04 9.16
C VAL A 127 5.75 17.88 10.14
N LEU A 128 6.44 16.79 9.82
CA LEU A 128 6.49 15.63 10.71
C LEU A 128 7.24 15.96 12.01
N GLN A 129 8.07 16.99 11.94
CA GLN A 129 8.78 17.47 13.11
C GLN A 129 7.95 18.55 13.81
N GLU A 130 7.83 19.71 13.19
CA GLU A 130 7.07 20.82 13.77
C GLU A 130 5.61 20.46 14.08
N ARG A 131 5.04 19.56 13.28
CA ARG A 131 3.63 19.16 13.38
C ARG A 131 2.68 20.34 13.12
N THR A 132 3.14 21.25 12.26
CA THR A 132 2.33 22.35 11.76
C THR A 132 2.55 22.50 10.26
N PHE A 133 1.61 23.14 9.56
CA PHE A 133 1.83 23.40 8.12
C PHE A 133 1.08 24.63 7.60
N GLU A 134 1.63 25.22 6.55
CA GLU A 134 0.97 26.30 5.83
C GLU A 134 0.28 25.77 4.58
N ARG A 135 -1.00 26.08 4.43
CA ARG A 135 -1.63 25.95 3.11
C ARG A 135 -0.84 26.80 2.15
N VAL A 136 -0.81 26.42 0.88
CA VAL A 136 -0.11 27.21 -0.12
C VAL A 136 -0.77 28.58 -0.18
N GLY A 137 0.05 29.62 -0.28
CA GLY A 137 -0.47 30.98 -0.28
C GLY A 137 -0.59 31.56 1.11
N SER A 138 -1.46 30.96 1.94
CA SER A 138 -1.63 31.42 3.31
C SER A 138 -0.31 31.38 4.08
N ASN A 139 -0.22 32.20 5.11
CA ASN A 139 0.91 32.12 6.04
C ASN A 139 0.42 31.73 7.43
N LYS A 140 -0.86 31.41 7.53
CA LYS A 140 -1.42 30.83 8.75
C LYS A 140 -0.92 29.39 8.92
N THR A 141 -0.19 29.14 10.00
CA THR A 141 0.24 27.79 10.31
C THR A 141 -0.89 27.05 11.02
N GLN A 142 -0.83 25.73 10.96
CA GLN A 142 -1.98 24.88 11.25
C GLN A 142 -1.55 23.58 11.91
N ASN A 143 -2.33 23.06 12.84
CA ASN A 143 -1.91 21.88 13.58
C ASN A 143 -2.30 20.58 12.90
N VAL A 144 -1.40 19.60 12.93
CA VAL A 144 -1.69 18.31 12.33
C VAL A 144 -1.61 17.16 13.31
N ASP A 145 -2.66 16.34 13.30
CA ASP A 145 -2.70 15.10 14.06
C ASP A 145 -2.88 13.93 13.10
N VAL A 146 -1.80 13.24 12.79
CA VAL A 146 -1.80 12.15 11.81
C VAL A 146 -0.92 10.97 12.25
N ARG A 147 -1.39 9.75 12.06
CA ARG A 147 -0.51 8.60 12.12
C ARG A 147 0.04 8.28 10.72
N ILE A 148 1.36 8.32 10.58
CA ILE A 148 2.00 8.15 9.28
C ILE A 148 2.21 6.69 8.91
N ILE A 149 1.78 6.32 7.71
CA ILE A 149 2.14 5.03 7.15
C ILE A 149 2.61 5.23 5.72
N ALA A 150 3.82 4.74 5.42
CA ALA A 150 4.40 4.89 4.10
C ALA A 150 4.72 3.53 3.48
N ALA A 151 4.69 3.47 2.15
CA ALA A 151 4.99 2.24 1.45
C ALA A 151 5.83 2.51 0.21
N THR A 152 6.77 1.62 -0.08
CA THR A 152 7.53 1.70 -1.31
C THR A 152 8.00 0.36 -1.80
N HIS A 153 8.23 0.26 -3.11
CA HIS A 153 8.90 -0.90 -3.67
C HIS A 153 10.29 -0.53 -4.16
N LYS A 154 10.71 0.71 -3.92
CA LYS A 154 12.04 1.15 -4.30
C LYS A 154 13.08 0.87 -3.21
N ASN A 155 14.34 0.69 -3.59
CA ASN A 155 15.42 0.64 -2.61
C ASN A 155 15.75 2.06 -2.15
N LEU A 156 15.28 2.40 -0.95
CA LEU A 156 15.44 3.75 -0.42
C LEU A 156 16.90 4.01 -0.05
N GLU A 157 17.58 2.98 0.43
CA GLU A 157 18.99 3.12 0.78
C GLU A 157 19.82 3.53 -0.43
N LYS A 158 19.58 2.89 -1.57
CA LYS A 158 20.29 3.30 -2.78
C LYS A 158 19.94 4.72 -3.16
N MET A 159 18.67 5.07 -3.02
CA MET A 159 18.23 6.41 -3.39
C MET A 159 18.88 7.47 -2.50
N ILE A 160 19.15 7.13 -1.24
CA ILE A 160 19.86 8.05 -0.37
C ILE A 160 21.25 8.29 -0.93
N GLU A 161 21.91 7.20 -1.30
CA GLU A 161 23.22 7.25 -1.95
C GLU A 161 23.22 8.04 -3.27
N ASP A 162 22.17 7.86 -4.07
CA ASP A 162 22.10 8.53 -5.37
C ASP A 162 21.70 9.98 -5.20
N GLY A 163 21.39 10.37 -3.96
CA GLY A 163 20.98 11.73 -3.67
C GLY A 163 19.56 12.01 -4.13
N THR A 164 18.77 10.96 -4.30
CA THR A 164 17.39 11.10 -4.77
C THR A 164 16.38 10.89 -3.66
N PHE A 165 16.84 10.42 -2.51
CA PHE A 165 15.99 10.38 -1.31
C PHE A 165 16.77 10.87 -0.10
N ARG A 166 16.12 11.66 0.75
CA ARG A 166 16.81 12.28 1.86
C ARG A 166 17.02 11.32 3.02
N GLU A 167 18.23 11.37 3.56
CA GLU A 167 18.61 10.57 4.70
C GLU A 167 17.75 10.89 5.91
N ASP A 168 17.52 12.18 6.17
CA ASP A 168 16.81 12.56 7.37
C ASP A 168 15.33 12.16 7.32
N LEU A 169 14.71 12.25 6.15
CA LEU A 169 13.33 11.81 6.03
C LEU A 169 13.27 10.31 6.30
N TYR A 170 14.16 9.59 5.64
CA TYR A 170 14.27 8.15 5.76
C TYR A 170 14.28 7.70 7.22
N TYR A 171 15.17 8.26 8.02
CA TYR A 171 15.30 7.80 9.38
C TYR A 171 14.07 8.18 10.22
N ARG A 172 13.40 9.26 9.83
CA ARG A 172 12.15 9.66 10.46
C ARG A 172 11.01 8.67 10.17
N LEU A 173 10.91 8.20 8.93
CA LEU A 173 9.79 7.35 8.50
C LEU A 173 10.01 5.87 8.84
N ASN A 174 11.26 5.47 8.79
CA ASN A 174 11.68 4.09 9.02
C ASN A 174 11.83 3.72 10.50
N VAL A 175 10.90 4.14 11.33
CA VAL A 175 10.91 3.77 12.73
C VAL A 175 10.58 2.30 12.88
N PHE A 176 9.46 1.89 12.27
CA PHE A 176 9.02 0.50 12.32
C PHE A 176 8.84 -0.08 10.92
N PRO A 177 9.92 -0.61 10.35
CA PRO A 177 9.95 -1.22 9.02
C PRO A 177 9.21 -2.56 8.94
N ILE A 178 8.30 -2.66 7.98
CA ILE A 178 7.67 -3.94 7.69
C ILE A 178 7.98 -4.38 6.25
N GLU A 179 8.66 -5.51 6.12
CA GLU A 179 8.98 -6.06 4.82
C GLU A 179 7.99 -7.15 4.37
N MET A 180 7.41 -6.97 3.18
CA MET A 180 6.48 -7.94 2.58
C MET A 180 7.17 -8.80 1.54
N ALA A 181 7.32 -10.09 1.80
CA ALA A 181 7.92 -11.01 0.83
C ALA A 181 7.15 -11.05 -0.49
N PRO A 182 7.87 -11.20 -1.61
CA PRO A 182 7.18 -11.34 -2.89
C PRO A 182 6.57 -12.73 -2.97
N LEU A 183 5.60 -12.93 -3.86
CA LEU A 183 4.83 -14.16 -3.86
C LEU A 183 5.71 -15.38 -4.12
N ARG A 184 6.69 -15.25 -4.99
CA ARG A 184 7.53 -16.41 -5.32
C ARG A 184 8.36 -16.91 -4.12
N GLU A 185 8.40 -16.12 -3.05
CA GLU A 185 9.09 -16.53 -1.82
C GLU A 185 8.13 -17.05 -0.77
N ARG A 186 6.85 -17.12 -1.08
CA ARG A 186 5.90 -17.73 -0.14
C ARG A 186 4.86 -18.56 -0.88
N VAL A 187 5.32 -19.38 -1.83
CA VAL A 187 4.40 -20.13 -2.68
C VAL A 187 3.56 -21.13 -1.87
N GLU A 188 4.03 -21.46 -0.67
CA GLU A 188 3.27 -22.29 0.26
C GLU A 188 1.99 -21.61 0.70
N ASP A 189 1.88 -20.32 0.39
CA ASP A 189 0.69 -19.57 0.75
C ASP A 189 -0.33 -19.49 -0.39
N ILE A 190 0.06 -19.99 -1.55
CA ILE A 190 -0.75 -19.77 -2.75
C ILE A 190 -2.14 -20.40 -2.62
N ALA A 191 -2.21 -21.66 -2.20
CA ALA A 191 -3.51 -22.31 -2.01
C ALA A 191 -4.42 -21.55 -1.05
N LEU A 192 -3.89 -21.16 0.10
CA LEU A 192 -4.64 -20.36 1.05
C LEU A 192 -5.08 -19.03 0.44
N LEU A 193 -4.20 -18.41 -0.33
CA LEU A 193 -4.53 -17.18 -1.00
C LEU A 193 -5.60 -17.43 -2.06
N LEU A 194 -5.47 -18.54 -2.78
CA LEU A 194 -6.49 -18.86 -3.77
C LEU A 194 -7.86 -19.00 -3.11
N ASN A 195 -7.91 -19.64 -1.94
CA ASN A 195 -9.19 -19.84 -1.28
C ASN A 195 -9.81 -18.52 -0.87
N GLU A 196 -9.03 -17.67 -0.22
CA GLU A 196 -9.50 -16.32 0.10
C GLU A 196 -10.00 -15.55 -1.14
N LEU A 197 -9.21 -15.55 -2.21
CA LEU A 197 -9.57 -14.80 -3.40
C LEU A 197 -10.84 -15.31 -4.03
N ILE A 198 -11.09 -16.62 -3.90
CA ILE A 198 -12.29 -17.21 -4.47
C ILE A 198 -13.51 -16.94 -3.59
N SER A 199 -13.34 -16.95 -2.26
CA SER A 199 -14.47 -16.65 -1.38
C SER A 199 -14.93 -15.21 -1.59
N ARG A 200 -13.98 -14.31 -1.78
CA ARG A 200 -14.31 -12.93 -2.07
C ARG A 200 -15.19 -12.86 -3.29
N MET A 201 -14.77 -13.55 -4.34
CA MET A 201 -15.50 -13.53 -5.59
C MET A 201 -16.93 -14.10 -5.46
N GLU A 202 -17.07 -15.13 -4.64
CA GLU A 202 -18.37 -15.76 -4.43
C GLU A 202 -19.25 -14.90 -3.55
N HIS A 203 -18.66 -14.40 -2.47
CA HIS A 203 -19.38 -13.53 -1.54
C HIS A 203 -19.95 -12.32 -2.27
N GLU A 204 -19.25 -11.87 -3.30
CA GLU A 204 -19.63 -10.70 -4.06
C GLU A 204 -20.43 -11.03 -5.31
N LYS A 205 -20.89 -12.28 -5.40
CA LYS A 205 -21.65 -12.78 -6.54
C LYS A 205 -21.02 -12.44 -7.89
N ARG A 206 -19.73 -12.72 -8.03
CA ARG A 206 -19.05 -12.50 -9.29
C ARG A 206 -18.78 -13.82 -10.00
N GLY A 207 -18.80 -14.91 -9.25
CA GLY A 207 -18.64 -16.23 -9.84
C GLY A 207 -17.97 -17.20 -8.89
N SER A 208 -17.63 -18.36 -9.42
CA SER A 208 -16.93 -19.35 -8.63
C SER A 208 -16.03 -20.20 -9.50
N ILE A 209 -14.92 -20.64 -8.92
CA ILE A 209 -14.08 -21.68 -9.48
C ILE A 209 -13.39 -22.43 -8.34
N ARG A 210 -12.63 -23.46 -8.68
CA ARG A 210 -11.58 -23.92 -7.80
C ARG A 210 -10.52 -24.61 -8.66
N PHE A 211 -9.35 -24.84 -8.08
CA PHE A 211 -8.19 -25.31 -8.82
C PHE A 211 -7.89 -26.73 -8.39
N ASN A 212 -7.44 -27.57 -9.32
CA ASN A 212 -7.05 -28.90 -8.91
C ASN A 212 -5.59 -28.90 -8.49
N SER A 213 -5.10 -30.04 -8.01
CA SER A 213 -3.79 -30.08 -7.39
C SER A 213 -2.67 -29.83 -8.39
N ALA A 214 -2.84 -30.40 -9.59
CA ALA A 214 -1.86 -30.22 -10.62
C ALA A 214 -1.71 -28.74 -10.97
N ALA A 215 -2.83 -28.03 -10.97
CA ALA A 215 -2.84 -26.62 -11.34
C ALA A 215 -2.10 -25.82 -10.30
N ILE A 216 -2.34 -26.15 -9.04
CA ILE A 216 -1.74 -25.44 -7.93
C ILE A 216 -0.23 -25.66 -7.87
N MET A 217 0.22 -26.87 -8.18
CA MET A 217 1.64 -27.17 -8.31
C MET A 217 2.27 -26.32 -9.40
N SER A 218 1.51 -26.13 -10.48
CA SER A 218 2.00 -25.38 -11.60
C SER A 218 2.12 -23.90 -11.21
N LEU A 219 1.10 -23.39 -10.54
CA LEU A 219 1.10 -22.03 -10.04
C LEU A 219 2.22 -21.78 -9.03
N CYS A 220 2.55 -22.79 -8.23
CA CYS A 220 3.60 -22.63 -7.24
C CYS A 220 4.97 -22.51 -7.89
N ARG A 221 5.07 -22.87 -9.16
CA ARG A 221 6.34 -22.71 -9.86
C ARG A 221 6.43 -21.40 -10.67
N HIS A 222 5.40 -20.57 -10.60
CA HIS A 222 5.36 -19.34 -11.37
C HIS A 222 6.14 -18.19 -10.70
N ASP A 223 6.58 -17.23 -11.50
CA ASP A 223 7.40 -16.08 -11.07
C ASP A 223 6.65 -15.06 -10.24
N TRP A 224 5.41 -14.81 -10.66
CA TRP A 224 4.54 -13.79 -10.08
C TRP A 224 5.19 -12.41 -10.03
N PRO A 225 5.48 -11.83 -11.20
CA PRO A 225 6.01 -10.48 -11.24
C PRO A 225 5.06 -9.49 -10.60
N GLY A 226 3.76 -9.74 -10.71
CA GLY A 226 2.74 -8.88 -10.13
C GLY A 226 2.20 -9.42 -8.84
N ASN A 227 2.85 -10.47 -8.35
CA ASN A 227 2.53 -11.08 -7.07
C ASN A 227 1.04 -11.37 -6.83
N VAL A 228 0.53 -11.01 -5.65
CA VAL A 228 -0.80 -11.45 -5.27
C VAL A 228 -1.87 -10.75 -6.09
N ARG A 229 -1.63 -9.51 -6.50
CA ARG A 229 -2.55 -8.84 -7.42
C ARG A 229 -2.66 -9.57 -8.78
N GLU A 230 -1.53 -10.06 -9.27
CA GLU A 230 -1.49 -10.88 -10.46
C GLU A 230 -2.28 -12.18 -10.26
N LEU A 231 -2.07 -12.81 -9.11
CA LEU A 231 -2.82 -13.97 -8.72
C LEU A 231 -4.32 -13.69 -8.78
N ALA A 232 -4.73 -12.60 -8.13
CA ALA A 232 -6.14 -12.18 -8.10
C ALA A 232 -6.71 -11.98 -9.51
N ASN A 233 -5.92 -11.38 -10.39
CA ASN A 233 -6.35 -11.16 -11.76
C ASN A 233 -6.60 -12.49 -12.49
N LEU A 234 -5.71 -13.45 -12.28
CA LEU A 234 -5.85 -14.78 -12.89
C LEU A 234 -7.12 -15.52 -12.44
N VAL A 235 -7.41 -15.49 -11.14
CA VAL A 235 -8.65 -16.02 -10.60
C VAL A 235 -9.86 -15.41 -11.33
N GLU A 236 -9.77 -14.10 -11.54
CA GLU A 236 -10.80 -13.33 -12.20
C GLU A 236 -11.04 -13.79 -13.65
N ARG A 237 -9.97 -13.93 -14.43
CA ARG A 237 -10.06 -14.35 -15.82
C ARG A 237 -10.63 -15.78 -15.95
N LEU A 238 -10.13 -16.68 -15.13
CA LEU A 238 -10.59 -18.06 -15.13
C LEU A 238 -12.06 -18.22 -14.72
N ALA A 239 -12.56 -17.32 -13.87
CA ALA A 239 -13.98 -17.36 -13.50
C ALA A 239 -14.88 -16.95 -14.67
N ILE A 240 -14.35 -16.11 -15.55
CA ILE A 240 -15.07 -15.77 -16.77
C ILE A 240 -15.00 -16.93 -17.76
N MET A 241 -13.85 -17.56 -17.86
CA MET A 241 -13.61 -18.57 -18.88
C MET A 241 -14.21 -19.94 -18.56
N HIS A 242 -14.28 -20.26 -17.27
CA HIS A 242 -14.79 -21.54 -16.82
C HIS A 242 -15.66 -21.35 -15.61
N PRO A 243 -16.82 -20.70 -15.78
CA PRO A 243 -17.70 -20.42 -14.64
C PRO A 243 -18.08 -21.70 -13.91
N TYR A 244 -17.81 -21.72 -12.61
CA TYR A 244 -18.10 -22.86 -11.74
C TYR A 244 -17.31 -24.09 -12.14
N GLY A 245 -16.33 -23.92 -13.01
CA GLY A 245 -15.44 -24.98 -13.39
C GLY A 245 -14.36 -25.36 -12.39
N VAL A 246 -13.64 -26.43 -12.72
CA VAL A 246 -12.42 -26.81 -12.05
C VAL A 246 -11.26 -26.51 -12.99
N ILE A 247 -10.23 -25.86 -12.46
CA ILE A 247 -9.09 -25.50 -13.28
C ILE A 247 -7.98 -26.53 -13.14
N GLY A 248 -7.68 -27.19 -14.25
CA GLY A 248 -6.56 -28.09 -14.34
C GLY A 248 -5.49 -27.34 -15.07
N VAL A 249 -4.33 -27.96 -15.31
CA VAL A 249 -3.21 -27.20 -15.85
C VAL A 249 -3.49 -26.79 -17.28
N GLY A 250 -4.34 -27.56 -17.96
CA GLY A 250 -4.78 -27.21 -19.30
C GLY A 250 -5.73 -26.02 -19.34
N GLU A 251 -6.29 -25.64 -18.19
CA GLU A 251 -7.12 -24.44 -18.14
C GLU A 251 -6.29 -23.22 -17.79
N LEU A 252 -5.06 -23.43 -17.35
CA LEU A 252 -4.15 -22.32 -17.16
C LEU A 252 -3.71 -21.77 -18.50
N PRO A 253 -3.57 -20.44 -18.59
CA PRO A 253 -2.82 -19.81 -19.67
C PRO A 253 -1.41 -20.37 -19.75
N LYS A 254 -0.88 -20.53 -20.96
CA LYS A 254 0.44 -21.11 -21.20
C LYS A 254 1.54 -20.59 -20.26
N LYS A 255 1.63 -19.27 -20.08
CA LYS A 255 2.75 -18.75 -19.29
C LYS A 255 2.67 -19.18 -17.83
N PHE A 256 1.52 -19.69 -17.41
CA PHE A 256 1.36 -20.21 -16.05
C PHE A 256 1.63 -21.70 -15.89
N ARG A 257 1.92 -22.43 -16.97
CA ARG A 257 2.11 -23.88 -16.85
C ARG A 257 3.57 -24.26 -16.65
N HIS A 258 3.84 -25.01 -15.59
CA HIS A 258 5.21 -25.39 -15.26
C HIS A 258 5.20 -26.80 -14.65
N VAL A 259 5.42 -27.80 -15.49
CA VAL A 259 5.21 -29.20 -15.08
C VAL A 259 6.51 -29.99 -15.05
PB ADP B . 0.41 -3.35 -2.81
O1B ADP B . -0.24 -2.17 -2.13
O2B ADP B . 1.68 -3.84 -2.18
O3B ADP B . 0.51 -3.21 -4.32
PA ADP B . -2.17 -4.60 -2.35
O1A ADP B . -2.86 -3.68 -3.33
O2A ADP B . -2.42 -4.41 -0.88
O3A ADP B . -0.58 -4.61 -2.60
O5' ADP B . -2.58 -6.13 -2.72
C5' ADP B . -3.15 -6.51 -3.98
C4' ADP B . -4.21 -7.61 -3.89
O4' ADP B . -3.78 -8.76 -3.17
C3' ADP B . -5.49 -7.16 -3.21
O3' ADP B . -6.54 -7.91 -3.84
C2' ADP B . -5.27 -7.60 -1.77
O2' ADP B . -6.47 -7.67 -1.03
C1' ADP B . -4.59 -8.95 -1.99
N9 ADP B . -3.67 -9.48 -0.95
C8 ADP B . -2.37 -9.23 -0.88
N7 ADP B . -1.79 -9.90 0.15
C5 ADP B . -2.76 -10.63 0.75
C6 ADP B . -2.85 -11.58 1.90
N6 ADP B . -1.77 -11.90 2.65
N1 ADP B . -4.05 -12.11 2.19
C2 ADP B . -5.13 -11.81 1.47
N3 ADP B . -5.14 -10.98 0.42
C4 ADP B . -4.00 -10.35 0.01
#